data_3KV2
#
_entry.id   3KV2
#
_cell.length_a   90.497
_cell.length_b   90.497
_cell.length_c   69.604
_cell.angle_alpha   90.00
_cell.angle_beta   90.00
_cell.angle_gamma   120.00
#
_symmetry.space_group_name_H-M   'P 3'
#
loop_
_entity.id
_entity.type
_entity.pdbx_description
1 polymer Arginase-1
2 non-polymer 'MANGANESE (II) ION'
3 non-polymer NOR-N-OMEGA-HYDROXY-L-ARGININE
4 water water
#
_entity_poly.entity_id   1
_entity_poly.type   'polypeptide(L)'
_entity_poly.pdbx_seq_one_letter_code
;MSAKSRTIGIIGAPFSKGQPRGGVEEGPTVLRKAGLLEKLKEQECDVKDYGDLPFADIPNDSPFQIVKNPRSVGKASEQL
AGKVAEVKKNGRISLVLGGDHSLAIGSISGHARVHPDLGVIWVDAHTDINTPLTTTSGNLHGQPVSFLLKELKGKIPDVP
GFSWVTPCISAKDIVYIGLRDVDPGEHYILKTLGIKYFSMTEVDRLGIGKVMEETLSYLLGRKKRPIHLSFDVDGLDPSF
TPATGTPVVGGLTYREGLYITEEIYKTGLLSGLDIMEVNPSLGKTPEEVTRTVNTAVAITLACFGLAREGNHKPIDYLNP
PK
;
_entity_poly.pdbx_strand_id   A,B
#
loop_
_chem_comp.id
_chem_comp.type
_chem_comp.name
_chem_comp.formula
MN non-polymer 'MANGANESE (II) ION' 'Mn 2'
#
# COMPACT_ATOMS: atom_id res chain seq x y z
N ARG A 6 -20.97 25.04 19.09
CA ARG A 6 -21.72 26.04 18.26
C ARG A 6 -22.50 25.31 17.16
N THR A 7 -22.73 25.99 16.03
CA THR A 7 -23.43 25.37 14.92
C THR A 7 -22.41 24.56 14.12
N ILE A 8 -22.80 23.37 13.69
CA ILE A 8 -21.90 22.47 12.98
C ILE A 8 -22.27 22.17 11.53
N GLY A 9 -21.24 22.01 10.70
CA GLY A 9 -21.41 21.69 9.30
C GLY A 9 -20.58 20.48 8.97
N ILE A 10 -21.21 19.30 8.91
CA ILE A 10 -20.53 18.04 8.63
C ILE A 10 -20.20 17.88 7.15
N ILE A 11 -18.96 17.50 6.86
CA ILE A 11 -18.50 17.30 5.49
C ILE A 11 -17.79 15.95 5.40
N GLY A 12 -18.29 15.06 4.56
CA GLY A 12 -17.66 13.77 4.40
C GLY A 12 -16.61 13.84 3.30
N ALA A 13 -15.41 13.32 3.60
CA ALA A 13 -14.32 13.33 2.63
C ALA A 13 -13.78 11.92 2.45
N PRO A 14 -14.52 11.06 1.74
CA PRO A 14 -14.11 9.68 1.50
C PRO A 14 -12.95 9.62 0.49
N PHE A 15 -11.74 9.99 0.94
CA PHE A 15 -10.57 10.01 0.07
C PHE A 15 -9.39 9.25 0.70
N SER A 16 -8.69 8.47 -0.13
CA SER A 16 -7.57 7.65 0.34
C SER A 16 -6.24 7.79 -0.40
N LYS A 17 -6.26 8.41 -1.57
CA LYS A 17 -5.06 8.53 -2.39
C LYS A 17 -3.85 9.31 -1.86
N GLY A 18 -3.93 9.78 -0.63
CA GLY A 18 -2.82 10.48 -0.03
C GLY A 18 -1.86 9.47 0.60
N GLN A 19 -2.27 8.21 0.60
CA GLN A 19 -1.47 7.11 1.13
C GLN A 19 -1.84 5.79 0.42
N PRO A 20 -1.10 4.70 0.71
CA PRO A 20 -1.37 3.40 0.06
C PRO A 20 -2.60 2.54 0.40
N ARG A 21 -2.96 2.44 1.68
CA ARG A 21 -4.10 1.62 2.09
C ARG A 21 -5.47 2.25 1.75
N GLY A 22 -6.28 1.53 0.96
CA GLY A 22 -7.57 2.06 0.54
C GLY A 22 -8.74 2.21 1.50
N GLY A 23 -8.82 1.36 2.53
CA GLY A 23 -9.94 1.41 3.45
C GLY A 23 -10.29 2.71 4.16
N VAL A 24 -9.36 3.66 4.18
CA VAL A 24 -9.59 4.94 4.86
C VAL A 24 -10.71 5.78 4.26
N GLU A 25 -11.07 5.56 3.00
CA GLU A 25 -12.14 6.34 2.41
C GLU A 25 -13.51 5.96 2.98
N GLU A 26 -13.55 4.93 3.83
CA GLU A 26 -14.78 4.50 4.47
C GLU A 26 -14.99 5.20 5.81
N GLY A 27 -14.01 6.02 6.21
CA GLY A 27 -14.12 6.74 7.47
C GLY A 27 -15.44 7.44 7.67
N PRO A 28 -15.86 8.29 6.73
CA PRO A 28 -17.14 8.99 6.89
C PRO A 28 -18.29 8.01 7.16
N THR A 29 -18.32 6.92 6.40
CA THR A 29 -19.35 5.89 6.52
C THR A 29 -19.47 5.28 7.91
N VAL A 30 -18.36 4.76 8.42
CA VAL A 30 -18.37 4.14 9.73
C VAL A 30 -18.61 5.15 10.86
N LEU A 31 -18.14 6.37 10.70
CA LEU A 31 -18.35 7.39 11.74
C LEU A 31 -19.82 7.78 11.79
N ARG A 32 -20.45 7.92 10.62
CA ARG A 32 -21.87 8.27 10.59
C ARG A 32 -22.70 7.10 11.11
N LYS A 33 -22.33 5.89 10.69
CA LYS A 33 -23.03 4.68 11.12
C LYS A 33 -22.95 4.50 12.63
N ALA A 34 -21.96 5.12 13.25
CA ALA A 34 -21.81 5.04 14.70
C ALA A 34 -22.75 6.02 15.41
N GLY A 35 -23.54 6.76 14.64
CA GLY A 35 -24.47 7.70 15.22
C GLY A 35 -23.89 9.05 15.61
N LEU A 36 -22.85 9.50 14.91
CA LEU A 36 -22.22 10.78 15.21
C LEU A 36 -23.17 11.99 15.12
N LEU A 37 -23.97 12.04 14.05
CA LEU A 37 -24.90 13.16 13.88
C LEU A 37 -25.94 13.16 14.99
N GLU A 38 -26.46 11.97 15.29
CA GLU A 38 -27.46 11.82 16.34
C GLU A 38 -26.90 12.23 17.70
N LYS A 39 -25.71 11.72 18.02
CA LYS A 39 -25.07 12.02 19.29
C LYS A 39 -24.83 13.53 19.43
N LEU A 40 -24.40 14.16 18.34
CA LEU A 40 -24.13 15.59 18.34
C LEU A 40 -25.42 16.35 18.61
N LYS A 41 -26.51 15.91 17.99
CA LYS A 41 -27.79 16.56 18.19
C LYS A 41 -28.28 16.31 19.61
N GLU A 42 -27.95 15.15 20.17
CA GLU A 42 -28.36 14.81 21.52
C GLU A 42 -27.81 15.87 22.47
N GLN A 43 -26.84 16.64 21.97
CA GLN A 43 -26.22 17.71 22.73
C GLN A 43 -26.82 19.01 22.21
N GLU A 44 -26.43 20.13 22.79
CA GLU A 44 -26.94 21.43 22.36
C GLU A 44 -26.34 21.81 21.01
N CYS A 45 -26.29 20.85 20.07
CA CYS A 45 -25.68 21.12 18.77
C CYS A 45 -26.60 21.20 17.54
N ASP A 46 -26.45 22.28 16.77
CA ASP A 46 -27.22 22.49 15.56
C ASP A 46 -26.36 21.94 14.42
N VAL A 47 -26.75 20.77 13.91
CA VAL A 47 -25.98 20.10 12.87
C VAL A 47 -26.61 20.05 11.47
N LYS A 48 -25.79 20.37 10.47
CA LYS A 48 -26.20 20.33 9.07
C LYS A 48 -25.17 19.47 8.34
N ASP A 49 -25.65 18.39 7.75
CA ASP A 49 -24.78 17.47 7.02
C ASP A 49 -24.68 17.93 5.57
N TYR A 50 -23.49 18.32 5.14
CA TYR A 50 -23.29 18.76 3.76
C TYR A 50 -22.99 17.55 2.87
N GLY A 51 -23.18 16.36 3.44
CA GLY A 51 -22.95 15.13 2.69
C GLY A 51 -21.50 14.81 2.44
N ASP A 52 -21.27 13.72 1.70
CA ASP A 52 -19.92 13.29 1.36
C ASP A 52 -19.55 13.87 0.01
N LEU A 53 -18.39 14.53 -0.05
CA LEU A 53 -17.94 15.13 -1.30
C LEU A 53 -17.68 14.02 -2.32
N PRO A 54 -18.26 14.15 -3.53
CA PRO A 54 -18.07 13.14 -4.57
C PRO A 54 -16.74 13.38 -5.26
N PHE A 55 -15.71 12.65 -4.82
CA PHE A 55 -14.38 12.79 -5.40
C PHE A 55 -14.26 12.00 -6.68
N ALA A 56 -14.35 12.70 -7.81
CA ALA A 56 -14.25 12.06 -9.11
C ALA A 56 -12.94 11.30 -9.27
N ASP A 57 -13.01 10.25 -10.07
CA ASP A 57 -11.88 9.37 -10.34
C ASP A 57 -10.97 10.00 -11.40
N ILE A 58 -9.67 10.03 -11.12
CA ILE A 58 -8.68 10.57 -12.05
C ILE A 58 -7.78 9.40 -12.44
N PRO A 59 -8.15 8.69 -13.53
CA PRO A 59 -7.45 7.52 -14.06
C PRO A 59 -6.00 7.79 -14.46
N ASN A 60 -5.76 8.96 -15.04
CA ASN A 60 -4.43 9.33 -15.47
C ASN A 60 -3.78 10.18 -14.38
N ASP A 61 -2.96 9.52 -13.57
CA ASP A 61 -2.31 10.21 -12.48
C ASP A 61 -1.00 9.56 -12.06
N SER A 62 -0.03 9.58 -12.97
CA SER A 62 1.29 8.99 -12.70
C SER A 62 2.05 9.89 -11.72
N PRO A 63 2.97 9.30 -10.95
CA PRO A 63 3.77 10.04 -9.96
C PRO A 63 4.56 11.22 -10.49
N PHE A 64 4.68 12.24 -9.64
CA PHE A 64 5.49 13.41 -9.96
C PHE A 64 6.76 13.04 -9.21
N GLN A 65 7.76 12.58 -9.94
CA GLN A 65 9.00 12.15 -9.30
C GLN A 65 8.63 10.98 -8.38
N ILE A 66 8.75 11.18 -7.07
CA ILE A 66 8.43 10.12 -6.09
C ILE A 66 6.99 10.23 -5.57
N VAL A 67 6.43 11.44 -5.66
CA VAL A 67 5.09 11.73 -5.17
C VAL A 67 3.97 11.01 -5.93
N LYS A 68 3.16 10.23 -5.19
CA LYS A 68 2.08 9.45 -5.78
C LYS A 68 0.69 10.10 -5.79
N ASN A 69 -0.06 9.82 -6.85
CA ASN A 69 -1.43 10.35 -7.03
C ASN A 69 -1.54 11.85 -6.78
N PRO A 70 -0.58 12.64 -7.28
CA PRO A 70 -0.63 14.10 -7.06
C PRO A 70 -1.87 14.83 -7.55
N ARG A 71 -2.40 14.43 -8.71
CA ARG A 71 -3.60 15.08 -9.26
C ARG A 71 -4.86 14.72 -8.49
N SER A 72 -4.96 13.47 -8.06
CA SER A 72 -6.11 13.01 -7.31
C SER A 72 -6.14 13.69 -5.94
N VAL A 73 -4.98 13.79 -5.31
CA VAL A 73 -4.87 14.42 -4.01
C VAL A 73 -5.13 15.92 -4.11
N GLY A 74 -4.47 16.56 -5.08
CA GLY A 74 -4.61 18.00 -5.28
C GLY A 74 -6.02 18.44 -5.57
N LYS A 75 -6.72 17.66 -6.39
CA LYS A 75 -8.10 17.96 -6.75
C LYS A 75 -9.04 17.73 -5.56
N ALA A 76 -8.81 16.66 -4.81
CA ALA A 76 -9.65 16.35 -3.65
C ALA A 76 -9.59 17.47 -2.61
N SER A 77 -8.38 18.01 -2.40
CA SER A 77 -8.20 19.11 -1.46
C SER A 77 -8.81 20.39 -2.03
N GLU A 78 -8.72 20.57 -3.34
CA GLU A 78 -9.29 21.75 -3.97
C GLU A 78 -10.81 21.74 -3.80
N GLN A 79 -11.42 20.57 -3.97
CA GLN A 79 -12.87 20.42 -3.83
C GLN A 79 -13.26 20.65 -2.37
N LEU A 80 -12.52 20.05 -1.45
CA LEU A 80 -12.81 20.20 -0.03
C LEU A 80 -12.66 21.65 0.43
N ALA A 81 -11.62 22.33 -0.06
CA ALA A 81 -11.39 23.73 0.31
C ALA A 81 -12.64 24.55 0.02
N GLY A 82 -13.25 24.28 -1.15
CA GLY A 82 -14.44 24.98 -1.54
C GLY A 82 -15.63 24.73 -0.61
N LYS A 83 -15.83 23.46 -0.25
CA LYS A 83 -16.94 23.09 0.62
C LYS A 83 -16.77 23.68 2.02
N VAL A 84 -15.53 23.61 2.55
CA VAL A 84 -15.23 24.14 3.88
C VAL A 84 -15.47 25.65 3.93
N ALA A 85 -15.03 26.36 2.88
CA ALA A 85 -15.20 27.80 2.81
C ALA A 85 -16.69 28.14 2.86
N GLU A 86 -17.50 27.32 2.20
CA GLU A 86 -18.94 27.54 2.19
C GLU A 86 -19.55 27.36 3.56
N VAL A 87 -19.27 26.21 4.19
CA VAL A 87 -19.80 25.95 5.52
C VAL A 87 -19.34 27.05 6.49
N LYS A 88 -18.11 27.53 6.34
CA LYS A 88 -17.61 28.58 7.21
C LYS A 88 -18.40 29.86 6.96
N LYS A 89 -18.74 30.11 5.69
CA LYS A 89 -19.50 31.30 5.32
C LYS A 89 -20.93 31.20 5.85
N ASN A 90 -21.39 29.98 6.11
CA ASN A 90 -22.74 29.78 6.64
C ASN A 90 -22.73 29.91 8.16
N GLY A 91 -21.58 30.34 8.70
CA GLY A 91 -21.45 30.53 10.13
C GLY A 91 -21.42 29.25 10.95
N ARG A 92 -20.89 28.18 10.36
CA ARG A 92 -20.83 26.91 11.05
C ARG A 92 -19.41 26.40 11.24
N ILE A 93 -19.20 25.63 12.29
CA ILE A 93 -17.89 25.03 12.54
C ILE A 93 -17.81 23.83 11.60
N SER A 94 -16.83 23.82 10.70
CA SER A 94 -16.68 22.72 9.76
C SER A 94 -16.11 21.47 10.45
N LEU A 95 -16.73 20.34 10.19
CA LEU A 95 -16.30 19.07 10.76
C LEU A 95 -16.04 18.16 9.58
N VAL A 96 -14.77 17.97 9.24
CA VAL A 96 -14.42 17.12 8.12
C VAL A 96 -14.09 15.70 8.58
N LEU A 97 -14.84 14.74 8.06
CA LEU A 97 -14.62 13.34 8.39
C LEU A 97 -13.78 12.74 7.28
N GLY A 98 -12.54 12.34 7.58
CA GLY A 98 -11.68 11.75 6.55
C GLY A 98 -11.83 10.24 6.49
N GLY A 99 -11.09 9.57 5.60
CA GLY A 99 -10.16 10.25 4.69
C GLY A 99 -8.75 10.35 5.24
N ASP A 100 -7.75 10.28 4.37
CA ASP A 100 -6.35 10.40 4.81
C ASP A 100 -6.04 11.88 5.07
N HIS A 101 -4.96 12.14 5.81
CA HIS A 101 -4.59 13.50 6.18
C HIS A 101 -4.16 14.49 5.09
N SER A 102 -3.92 14.02 3.87
CA SER A 102 -3.52 14.94 2.81
C SER A 102 -4.63 15.97 2.63
N LEU A 103 -5.85 15.60 3.03
CA LEU A 103 -7.02 16.46 2.92
C LEU A 103 -6.89 17.73 3.76
N ALA A 104 -5.97 17.72 4.72
CA ALA A 104 -5.75 18.88 5.57
C ALA A 104 -5.42 20.10 4.71
N ILE A 105 -4.79 19.87 3.56
CA ILE A 105 -4.44 20.96 2.67
C ILE A 105 -5.69 21.73 2.27
N GLY A 106 -6.74 21.01 1.86
CA GLY A 106 -7.97 21.69 1.47
C GLY A 106 -8.79 22.22 2.62
N SER A 107 -8.85 21.46 3.71
CA SER A 107 -9.62 21.87 4.89
C SER A 107 -9.07 23.15 5.50
N ILE A 108 -7.76 23.21 5.70
CA ILE A 108 -7.17 24.41 6.29
C ILE A 108 -7.16 25.57 5.30
N SER A 109 -7.01 25.27 4.01
CA SER A 109 -7.01 26.30 2.98
C SER A 109 -8.38 26.97 2.89
N GLY A 110 -9.45 26.15 2.83
CA GLY A 110 -10.80 26.69 2.75
C GLY A 110 -11.18 27.48 3.99
N HIS A 111 -10.72 26.98 5.14
CA HIS A 111 -10.98 27.61 6.44
C HIS A 111 -10.33 29.00 6.51
N ALA A 112 -9.11 29.10 5.99
CA ALA A 112 -8.36 30.34 6.00
C ALA A 112 -8.86 31.39 5.01
N ARG A 113 -9.66 30.97 4.03
CA ARG A 113 -10.21 31.92 3.07
C ARG A 113 -11.21 32.80 3.79
N VAL A 114 -11.96 32.21 4.71
CA VAL A 114 -12.96 32.93 5.49
C VAL A 114 -12.34 33.51 6.77
N HIS A 115 -11.37 32.81 7.34
CA HIS A 115 -10.72 33.24 8.58
C HIS A 115 -9.20 33.18 8.47
N PRO A 116 -8.59 34.13 7.76
CA PRO A 116 -7.14 34.19 7.57
C PRO A 116 -6.29 34.24 8.84
N ASP A 117 -6.89 34.61 9.97
CA ASP A 117 -6.15 34.72 11.22
C ASP A 117 -6.23 33.46 12.08
N LEU A 118 -6.64 32.35 11.50
CA LEU A 118 -6.77 31.11 12.26
C LEU A 118 -5.44 30.55 12.78
N GLY A 119 -5.56 29.74 13.82
CA GLY A 119 -4.41 29.09 14.43
C GLY A 119 -4.68 27.60 14.35
N VAL A 120 -3.63 26.81 14.14
CA VAL A 120 -3.81 25.37 14.00
C VAL A 120 -3.19 24.52 15.09
N ILE A 121 -3.99 23.57 15.59
CA ILE A 121 -3.48 22.63 16.57
C ILE A 121 -3.55 21.30 15.82
N TRP A 122 -2.37 20.70 15.66
CA TRP A 122 -2.21 19.45 14.93
C TRP A 122 -1.87 18.30 15.89
N VAL A 123 -2.86 17.45 16.15
CA VAL A 123 -2.69 16.28 17.03
C VAL A 123 -2.34 15.10 16.14
N ASP A 124 -1.14 14.55 16.34
CA ASP A 124 -0.68 13.50 15.45
C ASP A 124 0.65 12.91 15.95
N ALA A 125 0.94 11.67 15.55
CA ALA A 125 2.21 11.04 15.90
C ALA A 125 3.26 11.56 14.89
N HIS A 126 2.77 12.12 13.79
CA HIS A 126 3.61 12.64 12.71
C HIS A 126 3.43 14.14 12.49
N THR A 127 4.44 14.78 11.93
CA THR A 127 4.43 16.22 11.65
C THR A 127 3.83 16.53 10.27
N ASP A 128 3.83 15.52 9.39
CA ASP A 128 3.31 15.64 8.02
C ASP A 128 3.75 16.94 7.36
N ILE A 129 5.02 17.26 7.53
CA ILE A 129 5.55 18.48 6.98
C ILE A 129 6.66 18.24 5.95
N ASN A 130 6.70 17.04 5.38
CA ASN A 130 7.68 16.74 4.35
C ASN A 130 7.28 17.54 3.11
N THR A 131 8.26 17.90 2.30
CA THR A 131 7.96 18.61 1.06
C THR A 131 8.01 17.53 -0.01
N PRO A 132 7.62 17.87 -1.25
CA PRO A 132 7.66 16.86 -2.31
C PRO A 132 9.08 16.37 -2.55
N LEU A 133 10.05 17.14 -2.07
CA LEU A 133 11.45 16.80 -2.26
C LEU A 133 12.15 16.15 -1.06
N THR A 134 11.57 16.27 0.13
CA THR A 134 12.18 15.65 1.31
C THR A 134 11.55 14.28 1.61
N THR A 135 10.30 14.09 1.18
CA THR A 135 9.61 12.83 1.42
C THR A 135 10.38 11.64 0.84
N THR A 136 10.32 10.50 1.54
CA THR A 136 10.98 9.30 1.03
C THR A 136 9.89 8.26 0.71
N SER A 137 8.68 8.48 1.22
CA SER A 137 7.56 7.57 0.98
C SER A 137 6.76 7.98 -0.27
N GLY A 138 6.72 9.28 -0.56
CA GLY A 138 5.96 9.76 -1.70
C GLY A 138 4.48 9.86 -1.39
N ASN A 139 4.09 9.50 -0.18
CA ASN A 139 2.68 9.58 0.23
C ASN A 139 2.35 10.99 0.66
N LEU A 140 1.41 11.60 -0.04
CA LEU A 140 1.02 12.98 0.25
C LEU A 140 0.39 13.23 1.63
N HIS A 141 -0.09 12.19 2.31
CA HIS A 141 -0.67 12.45 3.63
C HIS A 141 0.41 12.81 4.65
N GLY A 142 1.68 12.72 4.22
CA GLY A 142 2.79 13.05 5.09
C GLY A 142 3.43 14.36 4.66
N GLN A 143 2.73 15.13 3.84
CA GLN A 143 3.22 16.41 3.33
C GLN A 143 2.26 17.61 3.42
N PRO A 144 0.98 17.40 3.80
CA PRO A 144 0.06 18.55 3.86
C PRO A 144 0.58 19.86 4.44
N VAL A 145 1.27 19.79 5.57
CA VAL A 145 1.76 21.02 6.20
C VAL A 145 2.75 21.83 5.37
N SER A 146 3.59 21.15 4.58
CA SER A 146 4.58 21.87 3.76
C SER A 146 3.91 22.74 2.70
N PHE A 147 2.72 22.32 2.25
CA PHE A 147 1.98 23.09 1.24
C PHE A 147 1.30 24.33 1.81
N LEU A 148 1.03 24.30 3.12
CA LEU A 148 0.34 25.39 3.80
C LEU A 148 1.21 26.49 4.39
N LEU A 149 2.45 26.14 4.76
CA LEU A 149 3.35 27.12 5.37
C LEU A 149 3.95 28.12 4.39
N LYS A 150 3.80 29.40 4.71
CA LYS A 150 4.32 30.48 3.88
C LYS A 150 5.84 30.42 3.77
N GLU A 151 6.51 30.17 4.89
CA GLU A 151 7.97 30.09 4.93
C GLU A 151 8.56 29.03 4.02
N LEU A 152 7.75 28.07 3.62
CA LEU A 152 8.21 26.99 2.75
C LEU A 152 7.87 27.19 1.27
N LYS A 153 7.05 28.19 0.98
CA LYS A 153 6.69 28.46 -0.42
C LYS A 153 8.00 28.86 -1.08
N GLY A 154 8.47 28.02 -1.98
CA GLY A 154 9.73 28.26 -2.65
C GLY A 154 10.53 26.99 -2.53
N LYS A 155 10.09 26.11 -1.63
CA LYS A 155 10.73 24.82 -1.41
C LYS A 155 9.78 23.73 -1.90
N ILE A 156 8.60 24.16 -2.35
CA ILE A 156 7.58 23.25 -2.84
C ILE A 156 7.58 23.37 -4.37
N PRO A 157 7.91 22.28 -5.09
CA PRO A 157 7.93 22.32 -6.56
C PRO A 157 6.50 22.46 -7.11
N ASP A 158 6.37 22.70 -8.41
CA ASP A 158 5.05 22.80 -9.00
C ASP A 158 4.54 21.40 -9.29
N VAL A 159 3.86 20.83 -8.31
CA VAL A 159 3.30 19.48 -8.41
C VAL A 159 1.92 19.53 -9.07
N PRO A 160 1.70 18.68 -10.08
CA PRO A 160 0.41 18.61 -10.78
C PRO A 160 -0.76 18.42 -9.82
N GLY A 161 -1.75 19.31 -9.91
CA GLY A 161 -2.91 19.22 -9.05
C GLY A 161 -2.95 20.24 -7.92
N PHE A 162 -1.85 20.94 -7.68
CA PHE A 162 -1.83 21.90 -6.59
C PHE A 162 -1.57 23.35 -7.01
N SER A 163 -1.76 23.68 -8.27
CA SER A 163 -1.52 25.04 -8.71
C SER A 163 -2.48 26.04 -8.03
N TRP A 164 -3.55 25.52 -7.44
CA TRP A 164 -4.55 26.35 -6.78
C TRP A 164 -4.15 26.73 -5.35
N VAL A 165 -3.20 26.00 -4.79
CA VAL A 165 -2.76 26.25 -3.42
C VAL A 165 -2.01 27.56 -3.22
N THR A 166 -2.21 28.15 -2.05
CA THR A 166 -1.55 29.39 -1.67
C THR A 166 -1.30 29.30 -0.16
N PRO A 167 -0.03 29.21 0.26
CA PRO A 167 0.35 29.12 1.68
C PRO A 167 -0.45 30.11 2.51
N CYS A 168 -1.22 29.60 3.47
CA CYS A 168 -2.07 30.47 4.29
C CYS A 168 -1.70 30.64 5.76
N ILE A 169 -0.72 29.87 6.25
CA ILE A 169 -0.31 30.03 7.64
C ILE A 169 1.20 30.14 7.77
N SER A 170 1.63 30.80 8.85
CA SER A 170 3.02 30.98 9.14
C SER A 170 3.44 29.93 10.16
N ALA A 171 4.74 29.67 10.21
CA ALA A 171 5.29 28.69 11.15
C ALA A 171 4.78 28.91 12.57
N LYS A 172 4.57 30.17 12.94
CA LYS A 172 4.11 30.47 14.29
C LYS A 172 2.62 30.35 14.56
N ASP A 173 1.84 29.97 13.54
CA ASP A 173 0.40 29.82 13.70
C ASP A 173 -0.02 28.38 13.93
N ILE A 174 0.95 27.50 14.18
CA ILE A 174 0.64 26.09 14.40
C ILE A 174 1.40 25.47 15.57
N VAL A 175 0.73 24.55 16.25
CA VAL A 175 1.31 23.83 17.38
C VAL A 175 1.04 22.33 17.18
N TYR A 176 2.09 21.52 17.35
CA TYR A 176 1.99 20.07 17.24
C TYR A 176 1.89 19.44 18.62
N ILE A 177 1.09 18.38 18.73
CA ILE A 177 0.96 17.65 19.99
C ILE A 177 0.88 16.15 19.68
N GLY A 178 1.73 15.36 20.34
CA GLY A 178 1.72 13.91 20.17
C GLY A 178 2.81 13.27 19.32
N LEU A 179 3.70 14.09 18.79
CA LEU A 179 4.77 13.60 17.91
C LEU A 179 5.64 12.49 18.48
N ARG A 180 5.88 11.46 17.66
CA ARG A 180 6.72 10.35 18.06
C ARG A 180 7.35 9.58 16.89
N ASP A 181 7.13 10.07 15.67
CA ASP A 181 7.72 9.46 14.48
C ASP A 181 7.91 10.55 13.41
N VAL A 182 8.98 11.31 13.58
CA VAL A 182 9.32 12.42 12.69
C VAL A 182 10.52 12.09 11.82
N ASP A 183 10.42 12.35 10.51
CA ASP A 183 11.53 12.09 9.59
C ASP A 183 12.63 13.14 9.80
N PRO A 184 13.88 12.81 9.43
CA PRO A 184 15.00 13.74 9.59
C PRO A 184 14.76 15.13 8.98
N GLY A 185 14.32 15.16 7.73
CA GLY A 185 14.06 16.44 7.08
C GLY A 185 12.97 17.22 7.80
N GLU A 186 11.94 16.51 8.26
CA GLU A 186 10.84 17.15 8.97
C GLU A 186 11.37 17.79 10.26
N HIS A 187 12.27 17.10 10.94
CA HIS A 187 12.83 17.62 12.19
C HIS A 187 13.69 18.86 11.88
N TYR A 188 14.38 18.83 10.74
CA TYR A 188 15.20 19.97 10.31
C TYR A 188 14.30 21.21 10.12
N ILE A 189 13.16 21.01 9.46
CA ILE A 189 12.21 22.10 9.22
C ILE A 189 11.67 22.61 10.56
N LEU A 190 11.38 21.68 11.47
CA LEU A 190 10.87 22.05 12.78
C LEU A 190 11.78 23.03 13.48
N LYS A 191 13.06 22.66 13.57
CA LYS A 191 14.07 23.47 14.23
C LYS A 191 14.43 24.71 13.44
N THR A 192 14.46 24.59 12.12
CA THR A 192 14.80 25.73 11.26
C THR A 192 13.77 26.85 11.29
N LEU A 193 12.49 26.48 11.24
CA LEU A 193 11.42 27.47 11.26
C LEU A 193 10.94 27.83 12.67
N GLY A 194 11.49 27.17 13.68
CA GLY A 194 11.10 27.45 15.05
C GLY A 194 9.67 27.09 15.40
N ILE A 195 9.17 26.03 14.79
CA ILE A 195 7.79 25.59 15.02
C ILE A 195 7.60 25.06 16.44
N LYS A 196 6.48 25.44 17.06
CA LYS A 196 6.17 25.03 18.42
C LYS A 196 5.57 23.63 18.42
N TYR A 197 6.17 22.72 19.18
CA TYR A 197 5.69 21.36 19.26
C TYR A 197 5.84 20.76 20.64
N PHE A 198 5.01 19.78 20.92
CA PHE A 198 5.04 19.04 22.18
C PHE A 198 5.00 17.61 21.73
N SER A 199 6.17 17.00 21.62
CA SER A 199 6.24 15.61 21.21
C SER A 199 5.84 14.80 22.44
N MET A 200 5.77 13.49 22.31
CA MET A 200 5.39 12.66 23.45
C MET A 200 6.37 12.88 24.60
N THR A 201 7.58 13.34 24.28
CA THR A 201 8.59 13.61 25.30
C THR A 201 8.17 14.81 26.15
N GLU A 202 7.64 15.85 25.50
CA GLU A 202 7.17 17.03 26.23
C GLU A 202 5.91 16.71 27.04
N VAL A 203 5.05 15.84 26.50
CA VAL A 203 3.84 15.45 27.20
C VAL A 203 4.24 14.69 28.47
N ASP A 204 5.26 13.82 28.36
CA ASP A 204 5.69 13.07 29.54
C ASP A 204 6.29 14.00 30.58
N ARG A 205 7.11 14.94 30.12
CA ARG A 205 7.77 15.91 30.99
C ARG A 205 6.83 16.86 31.73
N LEU A 206 5.94 17.52 31.00
CA LEU A 206 5.04 18.50 31.58
C LEU A 206 3.66 18.04 32.03
N GLY A 207 3.14 16.99 31.41
CA GLY A 207 1.81 16.51 31.72
C GLY A 207 0.91 17.20 30.72
N ILE A 208 -0.16 16.54 30.29
CA ILE A 208 -1.08 17.11 29.31
C ILE A 208 -1.73 18.44 29.73
N GLY A 209 -1.88 18.66 31.04
CA GLY A 209 -2.48 19.91 31.51
C GLY A 209 -1.63 21.12 31.15
N LYS A 210 -0.33 21.02 31.46
CA LYS A 210 0.62 22.09 31.17
C LYS A 210 0.77 22.25 29.65
N VAL A 211 0.73 21.12 28.94
CA VAL A 211 0.86 21.14 27.49
C VAL A 211 -0.27 21.96 26.84
N MET A 212 -1.51 21.73 27.28
CA MET A 212 -2.64 22.46 26.73
C MET A 212 -2.61 23.92 27.18
N GLU A 213 -2.16 24.16 28.41
CA GLU A 213 -2.08 25.52 28.90
C GLU A 213 -1.11 26.29 28.00
N GLU A 214 0.06 25.71 27.76
CA GLU A 214 1.07 26.34 26.90
C GLU A 214 0.64 26.47 25.46
N THR A 215 -0.02 25.44 24.93
CA THR A 215 -0.49 25.46 23.54
C THR A 215 -1.46 26.62 23.29
N LEU A 216 -2.50 26.71 24.12
CA LEU A 216 -3.52 27.74 23.96
C LEU A 216 -2.99 29.14 24.25
N SER A 217 -2.00 29.24 25.13
CA SER A 217 -1.41 30.53 25.48
C SER A 217 -0.55 30.97 24.31
N TYR A 218 0.20 30.02 23.76
CA TYR A 218 1.07 30.28 22.61
C TYR A 218 0.26 30.77 21.40
N LEU A 219 -0.89 30.17 21.16
CA LEU A 219 -1.74 30.55 20.03
C LEU A 219 -2.75 31.67 20.26
N LEU A 220 -3.18 31.87 21.50
CA LEU A 220 -4.17 32.89 21.79
C LEU A 220 -3.66 34.05 22.64
N GLY A 221 -2.39 33.98 23.02
CA GLY A 221 -1.81 35.03 23.84
C GLY A 221 -2.00 36.44 23.33
N ARG A 222 -1.36 36.78 22.22
CA ARG A 222 -1.48 38.12 21.66
C ARG A 222 -2.94 38.53 21.53
N LYS A 223 -3.75 37.67 20.93
CA LYS A 223 -5.16 37.97 20.74
C LYS A 223 -5.95 36.71 20.41
N LYS A 224 -7.26 36.77 20.62
CA LYS A 224 -8.11 35.62 20.32
C LYS A 224 -8.26 35.50 18.80
N ARG A 225 -8.26 34.27 18.32
CA ARG A 225 -8.39 33.99 16.89
C ARG A 225 -9.02 32.61 16.68
N PRO A 226 -9.58 32.37 15.49
CA PRO A 226 -10.21 31.08 15.21
C PRO A 226 -9.24 29.91 15.29
N ILE A 227 -9.68 28.80 15.85
CA ILE A 227 -8.83 27.62 15.99
C ILE A 227 -9.23 26.50 15.05
N HIS A 228 -8.24 25.92 14.38
CA HIS A 228 -8.45 24.79 13.48
C HIS A 228 -7.77 23.59 14.12
N LEU A 229 -8.54 22.56 14.45
CA LEU A 229 -7.98 21.36 15.05
C LEU A 229 -7.96 20.24 14.02
N SER A 230 -6.76 19.79 13.65
CA SER A 230 -6.64 18.71 12.69
C SER A 230 -6.24 17.50 13.54
N PHE A 231 -7.19 16.62 13.78
CA PHE A 231 -6.95 15.45 14.61
C PHE A 231 -6.72 14.17 13.81
N ASP A 232 -5.49 13.66 13.86
CA ASP A 232 -5.14 12.42 13.21
C ASP A 232 -5.32 11.38 14.31
N VAL A 233 -6.16 10.39 14.07
CA VAL A 233 -6.42 9.39 15.10
C VAL A 233 -5.19 8.58 15.51
N ASP A 234 -4.14 8.54 14.68
CA ASP A 234 -2.96 7.78 15.07
C ASP A 234 -2.10 8.57 16.06
N GLY A 235 -2.60 9.75 16.44
CA GLY A 235 -1.91 10.57 17.42
C GLY A 235 -2.10 9.88 18.77
N LEU A 236 -3.24 9.22 18.92
CA LEU A 236 -3.55 8.47 20.14
C LEU A 236 -2.89 7.09 20.02
N ASP A 237 -2.60 6.47 21.16
CA ASP A 237 -1.97 5.16 21.16
C ASP A 237 -2.82 4.12 20.43
N PRO A 238 -2.16 3.19 19.70
CA PRO A 238 -2.93 2.17 18.98
C PRO A 238 -3.77 1.21 19.86
N SER A 239 -3.65 1.35 21.18
CA SER A 239 -4.44 0.52 22.08
C SER A 239 -5.86 1.11 22.09
N PHE A 240 -5.98 2.33 21.58
CA PHE A 240 -7.26 3.03 21.50
C PHE A 240 -7.77 3.19 20.06
N THR A 241 -6.84 3.38 19.13
CA THR A 241 -7.20 3.55 17.70
C THR A 241 -6.31 2.70 16.80
N PRO A 242 -6.45 1.36 16.87
CA PRO A 242 -5.65 0.44 16.05
C PRO A 242 -5.92 0.46 14.55
N ALA A 243 -7.16 0.70 14.15
CA ALA A 243 -7.53 0.69 12.73
C ALA A 243 -7.12 1.98 12.03
N THR A 244 -5.82 2.10 11.79
CA THR A 244 -5.29 3.28 11.14
C THR A 244 -4.07 2.81 10.36
N GLY A 245 -3.73 3.52 9.29
CA GLY A 245 -2.63 3.13 8.45
C GLY A 245 -1.23 3.01 9.02
N THR A 246 -0.81 4.01 9.79
CA THR A 246 0.54 4.02 10.34
C THR A 246 0.56 4.24 11.86
N PRO A 247 0.19 3.21 12.63
CA PRO A 247 0.18 3.30 14.10
C PRO A 247 1.58 3.29 14.69
N VAL A 248 1.76 4.05 15.77
CA VAL A 248 3.05 4.14 16.47
C VAL A 248 2.79 4.02 17.96
N VAL A 249 3.39 3.01 18.60
CA VAL A 249 3.22 2.79 20.03
C VAL A 249 3.69 3.98 20.86
N GLY A 250 3.24 4.03 22.11
CA GLY A 250 3.62 5.11 23.01
C GLY A 250 2.85 6.38 22.73
N GLY A 251 1.60 6.23 22.32
CA GLY A 251 0.80 7.39 21.98
C GLY A 251 0.04 8.05 23.12
N LEU A 252 -0.73 9.06 22.75
CA LEU A 252 -1.54 9.80 23.69
C LEU A 252 -2.64 8.86 24.16
N THR A 253 -2.98 8.93 25.45
CA THR A 253 -4.02 8.06 25.98
C THR A 253 -5.42 8.58 25.62
N TYR A 254 -6.42 7.75 25.87
CA TYR A 254 -7.82 8.09 25.61
C TYR A 254 -8.11 9.37 26.39
N ARG A 255 -7.74 9.36 27.67
CA ARG A 255 -7.92 10.49 28.57
C ARG A 255 -7.27 11.77 28.06
N GLU A 256 -6.01 11.67 27.64
CA GLU A 256 -5.29 12.84 27.12
C GLU A 256 -6.00 13.36 25.86
N GLY A 257 -6.48 12.44 25.03
CA GLY A 257 -7.19 12.85 23.83
C GLY A 257 -8.43 13.64 24.19
N LEU A 258 -9.16 13.17 25.20
CA LEU A 258 -10.35 13.86 25.65
C LEU A 258 -10.00 15.16 26.35
N TYR A 259 -8.85 15.19 27.01
CA TYR A 259 -8.45 16.41 27.72
C TYR A 259 -8.14 17.53 26.72
N ILE A 260 -7.36 17.20 25.70
CA ILE A 260 -7.00 18.14 24.64
C ILE A 260 -8.26 18.82 24.06
N THR A 261 -9.20 17.99 23.66
CA THR A 261 -10.45 18.45 23.05
C THR A 261 -11.41 19.16 24.00
N GLU A 262 -11.46 18.73 25.26
CA GLU A 262 -12.34 19.40 26.22
C GLU A 262 -11.81 20.81 26.44
N GLU A 263 -10.48 20.95 26.49
CA GLU A 263 -9.87 22.25 26.68
C GLU A 263 -10.06 23.16 25.47
N ILE A 264 -9.96 22.58 24.27
CA ILE A 264 -10.14 23.35 23.06
C ILE A 264 -11.59 23.83 23.00
N TYR A 265 -12.53 22.96 23.37
CA TYR A 265 -13.94 23.33 23.36
C TYR A 265 -14.18 24.53 24.27
N LYS A 266 -13.62 24.48 25.47
CA LYS A 266 -13.79 25.53 26.47
C LYS A 266 -13.30 26.91 26.03
N THR A 267 -12.45 26.96 25.00
CA THR A 267 -11.95 28.25 24.52
C THR A 267 -13.09 28.97 23.79
N GLY A 268 -14.04 28.20 23.27
CA GLY A 268 -15.14 28.77 22.53
C GLY A 268 -14.66 29.32 21.21
N LEU A 269 -13.46 28.92 20.82
CA LEU A 269 -12.86 29.38 19.56
C LEU A 269 -12.70 28.29 18.51
N LEU A 270 -13.15 27.07 18.79
CA LEU A 270 -13.05 26.02 17.79
C LEU A 270 -13.79 26.51 16.56
N SER A 271 -13.10 26.50 15.42
CA SER A 271 -13.66 26.99 14.15
C SER A 271 -13.70 25.92 13.07
N GLY A 272 -12.67 25.07 13.04
CA GLY A 272 -12.60 24.00 12.06
C GLY A 272 -12.05 22.75 12.72
N LEU A 273 -12.56 21.59 12.34
CA LEU A 273 -12.10 20.33 12.90
C LEU A 273 -11.94 19.23 11.84
N ASP A 274 -10.90 18.42 12.01
CA ASP A 274 -10.62 17.31 11.10
C ASP A 274 -10.45 16.04 11.94
N ILE A 275 -11.15 14.98 11.55
CA ILE A 275 -11.04 13.69 12.24
C ILE A 275 -10.56 12.79 11.10
N MET A 276 -9.25 12.53 11.09
CA MET A 276 -8.62 11.78 10.02
C MET A 276 -7.94 10.47 10.33
N GLU A 277 -7.67 9.74 9.25
CA GLU A 277 -6.95 8.46 9.27
C GLU A 277 -7.65 7.24 9.87
N VAL A 278 -8.96 7.30 10.02
CA VAL A 278 -9.70 6.13 10.53
C VAL A 278 -9.84 5.14 9.35
N ASN A 279 -9.22 3.96 9.45
CA ASN A 279 -9.31 2.95 8.39
C ASN A 279 -9.87 1.62 8.94
N PRO A 280 -11.18 1.40 8.78
CA PRO A 280 -11.80 0.17 9.27
C PRO A 280 -11.18 -1.13 8.74
N SER A 281 -10.73 -1.10 7.49
CA SER A 281 -10.12 -2.27 6.84
C SER A 281 -8.86 -2.77 7.51
N LEU A 282 -8.30 -1.95 8.39
CA LEU A 282 -7.06 -2.33 9.07
C LEU A 282 -7.27 -2.86 10.48
N GLY A 283 -8.53 -2.97 10.89
CA GLY A 283 -8.81 -3.51 12.21
C GLY A 283 -8.58 -5.01 12.20
N LYS A 284 -7.65 -5.48 13.03
CA LYS A 284 -7.33 -6.90 13.11
C LYS A 284 -8.55 -7.71 13.49
N THR A 285 -9.53 -7.05 14.11
CA THR A 285 -10.75 -7.72 14.53
C THR A 285 -11.92 -6.74 14.39
N PRO A 286 -13.15 -7.24 14.52
CA PRO A 286 -14.30 -6.33 14.40
C PRO A 286 -14.29 -5.36 15.59
N GLU A 287 -13.77 -5.85 16.70
CA GLU A 287 -13.68 -5.06 17.93
C GLU A 287 -12.65 -3.94 17.81
N GLU A 288 -11.58 -4.20 17.05
CA GLU A 288 -10.56 -3.19 16.86
C GLU A 288 -11.17 -2.04 16.06
N VAL A 289 -12.08 -2.38 15.15
CA VAL A 289 -12.75 -1.37 14.33
C VAL A 289 -13.70 -0.52 15.19
N THR A 290 -14.57 -1.16 15.96
CA THR A 290 -15.51 -0.41 16.81
C THR A 290 -14.75 0.39 17.86
N ARG A 291 -13.62 -0.14 18.32
CA ARG A 291 -12.80 0.54 19.32
C ARG A 291 -12.25 1.83 18.75
N THR A 292 -11.81 1.78 17.49
CA THR A 292 -11.25 2.96 16.83
C THR A 292 -12.33 3.98 16.54
N VAL A 293 -13.42 3.54 15.92
CA VAL A 293 -14.54 4.40 15.60
C VAL A 293 -15.15 5.00 16.87
N ASN A 294 -15.31 4.20 17.92
CA ASN A 294 -15.88 4.70 19.17
C ASN A 294 -15.01 5.79 19.80
N THR A 295 -13.70 5.62 19.70
CA THR A 295 -12.79 6.61 20.25
C THR A 295 -12.85 7.88 19.41
N ALA A 296 -12.94 7.72 18.08
CA ALA A 296 -13.01 8.86 17.18
C ALA A 296 -14.26 9.68 17.47
N VAL A 297 -15.37 9.00 17.74
CA VAL A 297 -16.63 9.68 18.06
C VAL A 297 -16.51 10.43 19.38
N ALA A 298 -15.90 9.78 20.38
CA ALA A 298 -15.73 10.38 21.70
C ALA A 298 -14.93 11.67 21.62
N ILE A 299 -13.87 11.66 20.81
CA ILE A 299 -13.03 12.83 20.63
C ILE A 299 -13.83 13.95 19.97
N THR A 300 -14.63 13.58 18.99
CA THR A 300 -15.45 14.55 18.28
C THR A 300 -16.48 15.19 19.20
N LEU A 301 -17.18 14.38 19.99
CA LEU A 301 -18.18 14.89 20.91
C LEU A 301 -17.60 15.84 21.96
N ALA A 302 -16.36 15.59 22.38
CA ALA A 302 -15.70 16.45 23.36
C ALA A 302 -15.44 17.83 22.74
N CYS A 303 -15.13 17.84 21.44
CA CYS A 303 -14.86 19.08 20.74
C CYS A 303 -16.07 19.99 20.74
N PHE A 304 -17.25 19.40 20.89
CA PHE A 304 -18.48 20.17 20.88
C PHE A 304 -19.24 20.26 22.19
N GLY A 305 -18.53 20.14 23.30
CA GLY A 305 -19.16 20.30 24.60
C GLY A 305 -19.29 19.13 25.56
N LEU A 306 -19.25 17.90 25.06
CA LEU A 306 -19.39 16.75 25.94
C LEU A 306 -18.23 16.74 26.96
N ALA A 307 -18.57 16.95 28.23
CA ALA A 307 -17.58 16.99 29.32
C ALA A 307 -17.67 15.80 30.27
N ARG A 308 -16.52 15.30 30.71
CA ARG A 308 -16.52 14.16 31.61
C ARG A 308 -17.10 14.44 33.00
N GLU A 309 -17.07 15.70 33.44
CA GLU A 309 -17.62 16.04 34.75
C GLU A 309 -19.15 16.06 34.67
N GLY A 310 -19.67 16.03 33.44
CA GLY A 310 -21.11 16.05 33.23
C GLY A 310 -21.56 17.33 32.56
N ASN A 311 -22.79 17.32 32.04
CA ASN A 311 -23.39 18.47 31.37
C ASN A 311 -24.85 18.59 31.83
N HIS A 312 -25.39 19.80 31.85
CA HIS A 312 -26.79 19.97 32.23
C HIS A 312 -27.41 21.19 31.57
N LYS A 313 -28.71 21.13 31.32
CA LYS A 313 -29.45 22.21 30.66
C LYS A 313 -29.67 23.37 31.63
N PRO A 314 -29.88 24.58 31.09
CA PRO A 314 -30.11 25.74 31.95
C PRO A 314 -31.48 25.73 32.62
N ILE A 315 -31.76 24.65 33.34
CA ILE A 315 -33.03 24.48 34.05
C ILE A 315 -32.79 23.99 35.47
N ASP A 316 -33.82 24.08 36.30
CA ASP A 316 -33.74 23.63 37.68
C ASP A 316 -34.18 22.18 37.77
N TYR A 317 -33.21 21.27 37.80
CA TYR A 317 -33.48 19.83 37.86
C TYR A 317 -34.12 19.30 39.15
N LEU A 318 -34.14 20.10 40.20
CA LEU A 318 -34.73 19.67 41.47
C LEU A 318 -36.19 20.08 41.66
N ARG B 6 23.94 -13.48 -17.08
CA ARG B 6 24.74 -13.49 -15.82
C ARG B 6 24.95 -14.94 -15.37
N THR B 7 25.37 -15.15 -14.12
CA THR B 7 25.58 -16.50 -13.60
C THR B 7 24.21 -17.10 -13.29
N ILE B 8 23.92 -18.26 -13.88
CA ILE B 8 22.61 -18.89 -13.71
C ILE B 8 22.58 -20.30 -13.13
N GLY B 9 21.64 -20.51 -12.20
CA GLY B 9 21.46 -21.81 -11.57
C GLY B 9 20.06 -22.30 -11.84
N ILE B 10 19.93 -23.20 -12.81
CA ILE B 10 18.63 -23.76 -13.20
C ILE B 10 18.12 -24.80 -12.20
N ILE B 11 16.82 -24.74 -11.91
CA ILE B 11 16.20 -25.67 -10.99
C ILE B 11 14.92 -26.18 -11.61
N GLY B 12 14.80 -27.50 -11.71
CA GLY B 12 13.59 -28.09 -12.27
C GLY B 12 12.65 -28.47 -11.14
N ALA B 13 11.40 -28.04 -11.25
CA ALA B 13 10.41 -28.35 -10.23
C ALA B 13 9.16 -28.95 -10.86
N PRO B 14 9.23 -30.24 -11.23
CA PRO B 14 8.10 -30.93 -11.84
C PRO B 14 7.00 -31.21 -10.81
N PHE B 15 6.18 -30.20 -10.52
CA PHE B 15 5.11 -30.30 -9.53
C PHE B 15 3.76 -29.79 -10.03
N SER B 16 2.68 -30.50 -9.68
CA SER B 16 1.34 -30.11 -10.14
C SER B 16 0.24 -30.04 -9.08
N LYS B 17 0.48 -30.61 -7.91
CA LYS B 17 -0.52 -30.65 -6.82
C LYS B 17 -1.14 -29.31 -6.37
N GLY B 18 -0.59 -28.19 -6.81
CA GLY B 18 -1.15 -26.90 -6.43
C GLY B 18 -2.41 -26.59 -7.24
N GLN B 19 -2.71 -27.46 -8.20
CA GLN B 19 -3.88 -27.30 -9.06
C GLN B 19 -4.29 -28.66 -9.65
N PRO B 20 -5.50 -28.74 -10.25
CA PRO B 20 -6.11 -29.93 -10.88
C PRO B 20 -5.49 -30.70 -12.06
N ARG B 21 -5.04 -30.01 -13.10
CA ARG B 21 -4.47 -30.68 -14.28
C ARG B 21 -3.00 -31.07 -14.11
N GLY B 22 -2.70 -32.36 -14.30
CA GLY B 22 -1.35 -32.85 -14.12
C GLY B 22 -0.21 -32.54 -15.09
N GLY B 23 -0.52 -32.28 -16.35
CA GLY B 23 0.55 -32.01 -17.31
C GLY B 23 1.61 -30.98 -16.95
N VAL B 24 1.29 -30.07 -16.04
CA VAL B 24 2.21 -29.01 -15.64
C VAL B 24 3.55 -29.50 -15.07
N GLU B 25 3.59 -30.72 -14.54
CA GLU B 25 4.86 -31.21 -14.01
C GLU B 25 5.82 -31.55 -15.15
N GLU B 26 5.33 -31.46 -16.39
CA GLU B 26 6.16 -31.74 -17.55
C GLU B 26 6.82 -30.48 -18.07
N GLY B 27 6.64 -29.37 -17.35
CA GLY B 27 7.22 -28.10 -17.75
C GLY B 27 8.73 -28.11 -17.86
N PRO B 28 9.46 -28.54 -16.82
CA PRO B 28 10.92 -28.57 -16.87
C PRO B 28 11.44 -29.41 -18.03
N THR B 29 10.74 -30.49 -18.33
CA THR B 29 11.11 -31.40 -19.41
C THR B 29 11.03 -30.79 -20.79
N VAL B 30 9.87 -30.25 -21.13
CA VAL B 30 9.68 -29.65 -22.45
C VAL B 30 10.48 -28.37 -22.61
N LEU B 31 10.68 -27.65 -21.51
CA LEU B 31 11.46 -26.42 -21.56
C LEU B 31 12.91 -26.73 -21.88
N ARG B 32 13.44 -27.79 -21.27
CA ARG B 32 14.82 -28.20 -21.52
C ARG B 32 14.98 -28.77 -22.93
N LYS B 33 14.00 -29.57 -23.36
CA LYS B 33 14.03 -30.14 -24.70
C LYS B 33 13.97 -29.06 -25.77
N ALA B 34 13.56 -27.85 -25.36
CA ALA B 34 13.47 -26.73 -26.29
C ALA B 34 14.86 -26.15 -26.55
N GLY B 35 15.84 -26.60 -25.79
CA GLY B 35 17.20 -26.14 -25.96
C GLY B 35 17.56 -24.94 -25.10
N LEU B 36 16.74 -24.68 -24.07
CA LEU B 36 16.97 -23.57 -23.17
C LEU B 36 18.41 -23.48 -22.64
N LEU B 37 18.96 -24.61 -22.22
CA LEU B 37 20.32 -24.63 -21.68
C LEU B 37 21.36 -24.15 -22.68
N GLU B 38 21.36 -24.74 -23.87
CA GLU B 38 22.30 -24.34 -24.91
C GLU B 38 22.12 -22.86 -25.22
N LYS B 39 20.86 -22.45 -25.42
CA LYS B 39 20.51 -21.07 -25.74
C LYS B 39 21.09 -20.06 -24.76
N LEU B 40 21.08 -20.40 -23.47
CA LEU B 40 21.62 -19.53 -22.44
C LEU B 40 23.13 -19.51 -22.54
N LYS B 41 23.72 -20.68 -22.75
CA LYS B 41 25.17 -20.78 -22.87
C LYS B 41 25.65 -19.98 -24.07
N GLU B 42 24.80 -19.90 -25.10
CA GLU B 42 25.13 -19.14 -26.30
C GLU B 42 25.24 -17.66 -25.96
N GLN B 43 24.37 -17.21 -25.07
CA GLN B 43 24.37 -15.81 -24.64
C GLN B 43 25.52 -15.63 -23.66
N GLU B 44 25.61 -14.45 -23.04
CA GLU B 44 26.64 -14.21 -22.05
C GLU B 44 26.15 -14.91 -20.78
N CYS B 45 26.27 -16.23 -20.75
CA CYS B 45 25.79 -16.97 -19.58
C CYS B 45 26.52 -18.22 -19.20
N ASP B 46 26.86 -18.32 -17.91
CA ASP B 46 27.52 -19.47 -17.32
C ASP B 46 26.39 -20.24 -16.65
N VAL B 47 26.03 -21.40 -17.21
CA VAL B 47 24.92 -22.20 -16.69
C VAL B 47 25.24 -23.55 -16.07
N LYS B 48 24.67 -23.81 -14.90
CA LYS B 48 24.83 -25.07 -14.19
C LYS B 48 23.43 -25.57 -13.86
N ASP B 49 23.06 -26.71 -14.44
CA ASP B 49 21.75 -27.28 -14.20
C ASP B 49 21.75 -28.09 -12.92
N TYR B 50 21.04 -27.61 -11.89
CA TYR B 50 20.97 -28.32 -10.62
C TYR B 50 19.99 -29.49 -10.65
N GLY B 51 19.52 -29.85 -11.84
CA GLY B 51 18.58 -30.95 -11.99
C GLY B 51 17.15 -30.67 -11.56
N ASP B 52 16.30 -31.69 -11.63
CA ASP B 52 14.90 -31.57 -11.22
C ASP B 52 14.71 -32.14 -9.83
N LEU B 53 14.02 -31.39 -8.99
CA LEU B 53 13.77 -31.82 -7.62
C LEU B 53 12.89 -33.06 -7.54
N PRO B 54 13.27 -34.03 -6.70
CA PRO B 54 12.49 -35.25 -6.55
C PRO B 54 11.48 -35.01 -5.42
N PHE B 55 10.24 -34.73 -5.79
CA PHE B 55 9.19 -34.50 -4.81
C PHE B 55 8.51 -35.83 -4.48
N ALA B 56 8.77 -36.33 -3.26
CA ALA B 56 8.21 -37.59 -2.80
C ALA B 56 6.70 -37.54 -2.62
N ASP B 57 6.02 -38.57 -3.13
CA ASP B 57 4.58 -38.67 -3.06
C ASP B 57 4.09 -38.74 -1.60
N ILE B 58 2.99 -38.07 -1.30
CA ILE B 58 2.43 -38.10 0.05
C ILE B 58 1.03 -38.68 -0.03
N PRO B 59 0.91 -40.02 0.10
CA PRO B 59 -0.34 -40.77 0.04
C PRO B 59 -1.41 -40.20 0.94
N ASN B 60 -1.04 -39.89 2.17
CA ASN B 60 -1.98 -39.34 3.14
C ASN B 60 -1.94 -37.82 3.19
N ASP B 61 -2.65 -37.19 2.26
CA ASP B 61 -2.68 -35.73 2.21
C ASP B 61 -4.12 -35.25 2.20
N SER B 62 -4.80 -35.44 3.33
CA SER B 62 -6.19 -35.02 3.46
C SER B 62 -6.28 -33.50 3.33
N PRO B 63 -7.37 -33.00 2.74
CA PRO B 63 -7.55 -31.55 2.57
C PRO B 63 -7.63 -30.77 3.88
N PHE B 64 -7.21 -29.52 3.84
CA PHE B 64 -7.30 -28.63 4.98
C PHE B 64 -8.47 -27.75 4.55
N GLN B 65 -9.62 -27.93 5.20
CA GLN B 65 -10.80 -27.18 4.82
C GLN B 65 -11.09 -27.51 3.36
N ILE B 66 -11.11 -26.50 2.50
CA ILE B 66 -11.37 -26.69 1.07
C ILE B 66 -10.06 -26.79 0.28
N VAL B 67 -8.94 -26.59 0.97
CA VAL B 67 -7.60 -26.64 0.34
C VAL B 67 -7.12 -28.07 0.12
N LYS B 68 -6.81 -28.41 -1.13
CA LYS B 68 -6.35 -29.75 -1.52
C LYS B 68 -4.83 -29.92 -1.53
N ASN B 69 -4.38 -31.15 -1.28
CA ASN B 69 -2.95 -31.48 -1.27
C ASN B 69 -2.10 -30.49 -0.48
N PRO B 70 -2.53 -30.08 0.72
CA PRO B 70 -1.71 -29.12 1.47
C PRO B 70 -0.30 -29.60 1.84
N ARG B 71 -0.19 -30.86 2.23
CA ARG B 71 1.08 -31.42 2.63
C ARG B 71 2.11 -31.57 1.50
N SER B 72 1.67 -31.96 0.31
CA SER B 72 2.61 -32.11 -0.80
C SER B 72 3.02 -30.75 -1.38
N VAL B 73 2.10 -29.78 -1.38
CA VAL B 73 2.40 -28.44 -1.88
C VAL B 73 3.38 -27.75 -0.95
N GLY B 74 3.09 -27.81 0.35
CA GLY B 74 3.97 -27.21 1.33
C GLY B 74 5.32 -27.90 1.38
N LYS B 75 5.33 -29.20 1.12
CA LYS B 75 6.57 -29.96 1.14
C LYS B 75 7.41 -29.69 -0.11
N ALA B 76 6.74 -29.59 -1.26
CA ALA B 76 7.43 -29.31 -2.52
C ALA B 76 8.05 -27.92 -2.46
N SER B 77 7.37 -27.00 -1.79
CA SER B 77 7.88 -25.63 -1.66
C SER B 77 8.99 -25.56 -0.64
N GLU B 78 8.96 -26.44 0.37
CA GLU B 78 10.00 -26.43 1.38
C GLU B 78 11.29 -26.94 0.75
N GLN B 79 11.18 -27.97 -0.08
CA GLN B 79 12.35 -28.51 -0.78
C GLN B 79 12.94 -27.43 -1.67
N LEU B 80 12.10 -26.88 -2.54
CA LEU B 80 12.50 -25.84 -3.48
C LEU B 80 13.16 -24.64 -2.82
N ALA B 81 12.67 -24.25 -1.64
CA ALA B 81 13.23 -23.12 -0.91
C ALA B 81 14.68 -23.38 -0.52
N GLY B 82 14.99 -24.61 -0.12
CA GLY B 82 16.35 -24.93 0.26
C GLY B 82 17.27 -24.93 -0.95
N LYS B 83 16.76 -25.43 -2.08
CA LYS B 83 17.53 -25.50 -3.32
C LYS B 83 17.86 -24.11 -3.86
N VAL B 84 16.95 -23.16 -3.67
CA VAL B 84 17.15 -21.80 -4.14
C VAL B 84 18.16 -21.06 -3.26
N ALA B 85 18.05 -21.22 -1.94
CA ALA B 85 18.98 -20.56 -1.04
C ALA B 85 20.39 -21.07 -1.37
N GLU B 86 20.46 -22.32 -1.83
CA GLU B 86 21.72 -22.95 -2.21
C GLU B 86 22.33 -22.28 -3.45
N VAL B 87 21.57 -22.23 -4.53
CA VAL B 87 22.04 -21.62 -5.76
C VAL B 87 22.39 -20.15 -5.54
N LYS B 88 21.59 -19.46 -4.73
CA LYS B 88 21.84 -18.06 -4.43
C LYS B 88 23.14 -17.91 -3.68
N LYS B 89 23.44 -18.90 -2.84
CA LYS B 89 24.68 -18.87 -2.06
C LYS B 89 25.89 -19.10 -2.97
N ASN B 90 25.69 -19.85 -4.05
CA ASN B 90 26.76 -20.11 -5.00
C ASN B 90 26.95 -18.91 -5.93
N GLY B 91 26.37 -17.78 -5.55
CA GLY B 91 26.49 -16.57 -6.36
C GLY B 91 25.84 -16.68 -7.74
N ARG B 92 24.72 -17.40 -7.81
CA ARG B 92 24.03 -17.60 -9.07
C ARG B 92 22.59 -17.10 -9.06
N ILE B 93 22.06 -16.81 -10.25
CA ILE B 93 20.68 -16.37 -10.41
C ILE B 93 19.85 -17.66 -10.47
N SER B 94 18.89 -17.81 -9.56
CA SER B 94 18.07 -19.01 -9.57
C SER B 94 17.00 -18.93 -10.65
N LEU B 95 16.89 -20.00 -11.43
CA LEU B 95 15.92 -20.09 -12.51
C LEU B 95 15.08 -21.33 -12.26
N VAL B 96 13.86 -21.13 -11.76
CA VAL B 96 12.94 -22.22 -11.46
C VAL B 96 11.95 -22.51 -12.60
N LEU B 97 11.98 -23.74 -13.10
CA LEU B 97 11.09 -24.16 -14.17
C LEU B 97 9.93 -24.96 -13.55
N GLY B 98 8.74 -24.36 -13.50
CA GLY B 98 7.59 -25.05 -12.94
C GLY B 98 6.92 -25.90 -14.01
N GLY B 99 5.86 -26.62 -13.66
CA GLY B 99 5.34 -26.61 -12.29
C GLY B 99 4.30 -25.53 -12.10
N ASP B 100 3.37 -25.76 -11.18
CA ASP B 100 2.34 -24.76 -10.92
C ASP B 100 2.90 -23.65 -10.02
N HIS B 101 2.22 -22.51 -10.03
CA HIS B 101 2.66 -21.34 -9.28
C HIS B 101 2.70 -21.44 -7.75
N SER B 102 2.24 -22.54 -7.16
CA SER B 102 2.29 -22.66 -5.70
C SER B 102 3.75 -22.72 -5.28
N LEU B 103 4.58 -23.20 -6.19
CA LEU B 103 6.01 -23.32 -5.93
C LEU B 103 6.65 -21.96 -5.61
N ALA B 104 5.95 -20.87 -5.90
CA ALA B 104 6.49 -19.53 -5.63
C ALA B 104 6.74 -19.31 -4.14
N ILE B 105 5.96 -20.00 -3.30
CA ILE B 105 6.14 -19.87 -1.86
C ILE B 105 7.58 -20.31 -1.58
N GLY B 106 7.96 -21.46 -2.15
CA GLY B 106 9.31 -21.96 -1.95
C GLY B 106 10.42 -21.17 -2.64
N SER B 107 10.16 -20.76 -3.88
CA SER B 107 11.14 -20.01 -4.67
C SER B 107 11.51 -18.68 -4.02
N ILE B 108 10.49 -17.88 -3.70
CA ILE B 108 10.70 -16.58 -3.08
C ILE B 108 11.25 -16.72 -1.66
N SER B 109 10.74 -17.69 -0.89
CA SER B 109 11.21 -17.92 0.47
C SER B 109 12.70 -18.23 0.50
N GLY B 110 13.13 -19.19 -0.30
CA GLY B 110 14.53 -19.57 -0.36
C GLY B 110 15.41 -18.45 -0.87
N HIS B 111 14.85 -17.63 -1.75
CA HIS B 111 15.57 -16.50 -2.33
C HIS B 111 15.74 -15.39 -1.28
N ALA B 112 14.68 -15.12 -0.53
CA ALA B 112 14.71 -14.08 0.50
C ALA B 112 15.56 -14.47 1.69
N ARG B 113 15.86 -15.76 1.83
CA ARG B 113 16.70 -16.22 2.92
C ARG B 113 18.10 -15.67 2.71
N VAL B 114 18.52 -15.63 1.46
CA VAL B 114 19.84 -15.12 1.13
C VAL B 114 19.77 -13.61 0.87
N HIS B 115 18.68 -13.15 0.28
CA HIS B 115 18.49 -11.73 -0.03
C HIS B 115 17.14 -11.28 0.51
N PRO B 116 17.06 -11.03 1.82
CA PRO B 116 15.80 -10.58 2.45
C PRO B 116 15.27 -9.24 1.98
N ASP B 117 16.09 -8.48 1.28
CA ASP B 117 15.71 -7.16 0.79
C ASP B 117 15.16 -7.16 -0.64
N LEU B 118 14.97 -8.36 -1.21
CA LEU B 118 14.48 -8.49 -2.58
C LEU B 118 13.11 -7.84 -2.82
N GLY B 119 12.87 -7.53 -4.09
CA GLY B 119 11.61 -6.93 -4.51
C GLY B 119 10.98 -7.90 -5.49
N VAL B 120 9.66 -7.98 -5.53
CA VAL B 120 9.00 -8.92 -6.43
C VAL B 120 8.14 -8.31 -7.53
N ILE B 121 8.33 -8.82 -8.75
CA ILE B 121 7.52 -8.40 -9.90
C ILE B 121 6.77 -9.67 -10.28
N TRP B 122 5.45 -9.60 -10.18
CA TRP B 122 4.59 -10.75 -10.46
C TRP B 122 3.82 -10.55 -11.77
N VAL B 123 4.26 -11.22 -12.83
CA VAL B 123 3.59 -11.11 -14.13
C VAL B 123 2.57 -12.25 -14.19
N ASP B 124 1.29 -11.89 -14.27
CA ASP B 124 0.26 -12.91 -14.20
C ASP B 124 -1.13 -12.35 -14.50
N ALA B 125 -2.03 -13.22 -14.95
CA ALA B 125 -3.40 -12.82 -15.22
C ALA B 125 -4.11 -12.81 -13.86
N HIS B 126 -3.53 -13.54 -12.92
CA HIS B 126 -4.09 -13.67 -11.56
C HIS B 126 -3.16 -13.14 -10.48
N THR B 127 -3.75 -12.71 -9.36
CA THR B 127 -2.98 -12.18 -8.23
C THR B 127 -2.43 -13.28 -7.33
N ASP B 128 -3.09 -14.44 -7.35
CA ASP B 128 -2.67 -15.57 -6.53
C ASP B 128 -2.48 -15.18 -5.07
N ILE B 129 -3.35 -14.32 -4.57
CA ILE B 129 -3.23 -13.86 -3.20
C ILE B 129 -4.40 -14.32 -2.32
N ASN B 130 -5.06 -15.40 -2.73
CA ASN B 130 -6.14 -15.93 -1.93
C ASN B 130 -5.51 -16.60 -0.72
N THR B 131 -6.22 -16.60 0.41
CA THR B 131 -5.74 -17.24 1.62
C THR B 131 -6.51 -18.56 1.71
N PRO B 132 -6.12 -19.43 2.65
CA PRO B 132 -6.83 -20.70 2.77
C PRO B 132 -8.31 -20.50 3.11
N LEU B 133 -8.62 -19.29 3.58
CA LEU B 133 -9.98 -18.96 3.97
C LEU B 133 -10.77 -18.14 2.94
N THR B 134 -10.07 -17.51 2.00
CA THR B 134 -10.77 -16.71 0.98
C THR B 134 -10.89 -17.46 -0.34
N THR B 135 -10.14 -18.55 -0.47
CA THR B 135 -10.19 -19.34 -1.70
C THR B 135 -11.50 -20.10 -1.86
N THR B 136 -11.97 -20.18 -3.10
CA THR B 136 -13.21 -20.90 -3.40
C THR B 136 -12.88 -22.16 -4.17
N SER B 137 -11.78 -22.12 -4.91
CA SER B 137 -11.35 -23.26 -5.70
C SER B 137 -10.62 -24.29 -4.84
N GLY B 138 -9.93 -23.80 -3.81
CA GLY B 138 -9.19 -24.68 -2.94
C GLY B 138 -7.84 -25.09 -3.53
N ASN B 139 -7.48 -24.50 -4.66
CA ASN B 139 -6.21 -24.83 -5.32
C ASN B 139 -5.12 -23.90 -4.81
N LEU B 140 -4.03 -24.48 -4.32
CA LEU B 140 -2.94 -23.71 -3.76
C LEU B 140 -2.13 -22.85 -4.72
N HIS B 141 -2.24 -23.06 -6.03
CA HIS B 141 -1.47 -22.23 -6.97
C HIS B 141 -2.08 -20.83 -7.08
N GLY B 142 -3.22 -20.65 -6.42
CA GLY B 142 -3.89 -19.37 -6.43
C GLY B 142 -3.80 -18.69 -5.07
N GLN B 143 -2.89 -19.17 -4.23
CA GLN B 143 -2.68 -18.64 -2.88
C GLN B 143 -1.23 -18.34 -2.48
N PRO B 144 -0.25 -18.68 -3.34
CA PRO B 144 1.16 -18.42 -2.96
C PRO B 144 1.52 -17.09 -2.31
N VAL B 145 0.99 -15.99 -2.84
CA VAL B 145 1.33 -14.67 -2.29
C VAL B 145 0.88 -14.45 -0.84
N SER B 146 -0.34 -14.89 -0.50
CA SER B 146 -0.82 -14.70 0.87
C SER B 146 0.14 -15.32 1.89
N PHE B 147 0.72 -16.48 1.57
CA PHE B 147 1.66 -17.16 2.45
C PHE B 147 2.97 -16.39 2.61
N LEU B 148 3.25 -15.50 1.66
CA LEU B 148 4.49 -14.74 1.68
C LEU B 148 4.42 -13.34 2.31
N LEU B 149 3.28 -12.66 2.19
CA LEU B 149 3.16 -11.31 2.74
C LEU B 149 3.03 -11.27 4.27
N LYS B 150 3.91 -10.50 4.91
CA LYS B 150 3.88 -10.37 6.36
C LYS B 150 2.61 -9.71 6.87
N GLU B 151 2.01 -8.83 6.07
CA GLU B 151 0.78 -8.13 6.45
C GLU B 151 -0.41 -9.08 6.53
N LEU B 152 -0.25 -10.28 6.00
CA LEU B 152 -1.32 -11.27 6.01
C LEU B 152 -1.09 -12.35 7.06
N LYS B 153 0.10 -12.33 7.67
CA LYS B 153 0.42 -13.29 8.71
C LYS B 153 -0.57 -12.94 9.82
N GLY B 154 -1.51 -13.85 10.07
CA GLY B 154 -2.53 -13.61 11.06
C GLY B 154 -3.85 -13.95 10.41
N LYS B 155 -3.89 -13.81 9.08
CA LYS B 155 -5.08 -14.12 8.32
C LYS B 155 -4.91 -15.52 7.73
N ILE B 156 -3.69 -16.03 7.82
CA ILE B 156 -3.35 -17.36 7.30
C ILE B 156 -3.53 -18.44 8.36
N PRO B 157 -4.42 -19.42 8.10
CA PRO B 157 -4.68 -20.51 9.04
C PRO B 157 -3.49 -21.46 9.08
N ASP B 158 -3.31 -22.16 10.20
CA ASP B 158 -2.22 -23.11 10.30
C ASP B 158 -2.56 -24.28 9.39
N VAL B 159 -2.00 -24.27 8.18
CA VAL B 159 -2.25 -25.31 7.19
C VAL B 159 -1.15 -26.37 7.22
N PRO B 160 -1.54 -27.65 7.29
CA PRO B 160 -0.58 -28.76 7.33
C PRO B 160 0.44 -28.71 6.19
N GLY B 161 1.72 -28.60 6.55
CA GLY B 161 2.77 -28.55 5.55
C GLY B 161 3.46 -27.21 5.39
N PHE B 162 2.93 -26.17 6.02
CA PHE B 162 3.51 -24.84 5.90
C PHE B 162 3.99 -24.23 7.21
N SER B 163 4.36 -25.07 8.17
CA SER B 163 4.84 -24.57 9.44
C SER B 163 6.23 -23.96 9.29
N TRP B 164 6.92 -24.35 8.22
CA TRP B 164 8.27 -23.86 7.96
C TRP B 164 8.28 -22.43 7.42
N VAL B 165 7.12 -21.97 6.97
CA VAL B 165 7.01 -20.66 6.36
C VAL B 165 6.97 -19.46 7.30
N THR B 166 7.70 -18.41 6.91
CA THR B 166 7.73 -17.18 7.66
C THR B 166 7.53 -16.09 6.61
N PRO B 167 6.47 -15.27 6.75
CA PRO B 167 6.19 -14.19 5.79
C PRO B 167 7.47 -13.41 5.51
N CYS B 168 7.97 -13.51 4.29
CA CYS B 168 9.23 -12.88 3.92
C CYS B 168 9.14 -11.62 3.07
N ILE B 169 7.93 -11.19 2.73
CA ILE B 169 7.81 -9.99 1.91
C ILE B 169 6.74 -9.05 2.41
N SER B 170 7.00 -7.75 2.25
CA SER B 170 6.05 -6.73 2.67
C SER B 170 5.17 -6.33 1.50
N ALA B 171 3.97 -5.87 1.80
CA ALA B 171 3.03 -5.45 0.78
C ALA B 171 3.62 -4.37 -0.14
N LYS B 172 4.50 -3.54 0.41
CA LYS B 172 5.08 -2.48 -0.39
C LYS B 172 6.26 -2.88 -1.27
N ASP B 173 6.60 -4.17 -1.28
CA ASP B 173 7.74 -4.60 -2.10
C ASP B 173 7.41 -5.57 -3.22
N ILE B 174 6.18 -5.55 -3.70
CA ILE B 174 5.78 -6.43 -4.78
C ILE B 174 4.97 -5.63 -5.79
N VAL B 175 5.12 -5.95 -7.07
CA VAL B 175 4.37 -5.27 -8.11
C VAL B 175 3.74 -6.28 -9.04
N TYR B 176 2.45 -6.12 -9.30
CA TYR B 176 1.71 -6.98 -10.21
C TYR B 176 1.64 -6.35 -11.60
N ILE B 177 1.75 -7.17 -12.64
CA ILE B 177 1.64 -6.71 -14.02
C ILE B 177 0.86 -7.73 -14.86
N GLY B 178 -0.25 -7.30 -15.46
CA GLY B 178 -1.03 -8.19 -16.31
C GLY B 178 -2.35 -8.73 -15.78
N LEU B 179 -2.75 -8.33 -14.58
CA LEU B 179 -3.99 -8.79 -13.96
C LEU B 179 -5.26 -8.60 -14.78
N ARG B 180 -6.10 -9.63 -14.83
CA ARG B 180 -7.36 -9.55 -15.56
C ARG B 180 -8.43 -10.57 -15.11
N ASP B 181 -8.14 -11.29 -14.03
CA ASP B 181 -9.07 -12.27 -13.46
C ASP B 181 -8.73 -12.42 -11.98
N VAL B 182 -9.17 -11.44 -11.18
CA VAL B 182 -8.92 -11.38 -9.75
C VAL B 182 -10.21 -11.71 -9.01
N ASP B 183 -10.14 -12.56 -7.99
CA ASP B 183 -11.32 -12.93 -7.21
C ASP B 183 -11.73 -11.76 -6.31
N PRO B 184 -13.01 -11.70 -5.89
CA PRO B 184 -13.48 -10.61 -5.03
C PRO B 184 -12.65 -10.42 -3.74
N GLY B 185 -12.25 -11.53 -3.12
CA GLY B 185 -11.45 -11.45 -1.92
C GLY B 185 -10.05 -10.95 -2.20
N GLU B 186 -9.51 -11.39 -3.34
CA GLU B 186 -8.17 -10.96 -3.73
C GLU B 186 -8.16 -9.46 -4.01
N HIS B 187 -9.23 -8.95 -4.64
CA HIS B 187 -9.32 -7.52 -4.94
C HIS B 187 -9.38 -6.71 -3.65
N TYR B 188 -10.11 -7.23 -2.66
CA TYR B 188 -10.24 -6.57 -1.37
C TYR B 188 -8.87 -6.48 -0.70
N ILE B 189 -8.11 -7.56 -0.78
CA ILE B 189 -6.77 -7.60 -0.19
C ILE B 189 -5.88 -6.60 -0.94
N LEU B 190 -5.94 -6.66 -2.27
CA LEU B 190 -5.14 -5.79 -3.14
C LEU B 190 -5.25 -4.33 -2.73
N LYS B 191 -6.49 -3.85 -2.70
CA LYS B 191 -6.81 -2.46 -2.37
C LYS B 191 -6.56 -2.12 -0.91
N THR B 192 -6.95 -3.01 -0.01
CA THR B 192 -6.79 -2.77 1.42
C THR B 192 -5.33 -2.60 1.85
N LEU B 193 -4.47 -3.53 1.43
CA LEU B 193 -3.06 -3.47 1.78
C LEU B 193 -2.30 -2.46 0.91
N GLY B 194 -2.90 -2.09 -0.21
CA GLY B 194 -2.28 -1.11 -1.09
C GLY B 194 -1.12 -1.64 -1.90
N ILE B 195 -1.21 -2.89 -2.35
CA ILE B 195 -0.16 -3.49 -3.16
C ILE B 195 -0.21 -2.85 -4.54
N LYS B 196 0.95 -2.51 -5.07
CA LYS B 196 1.07 -1.89 -6.38
C LYS B 196 0.73 -2.89 -7.49
N TYR B 197 -0.09 -2.44 -8.46
CA TYR B 197 -0.47 -3.31 -9.55
C TYR B 197 -0.78 -2.57 -10.83
N PHE B 198 -0.49 -3.24 -11.94
CA PHE B 198 -0.78 -2.72 -13.26
C PHE B 198 -1.59 -3.82 -13.92
N SER B 199 -2.92 -3.75 -13.78
CA SER B 199 -3.78 -4.75 -14.39
C SER B 199 -3.79 -4.39 -15.87
N MET B 200 -4.41 -5.23 -16.70
CA MET B 200 -4.46 -4.93 -18.13
C MET B 200 -5.00 -3.55 -18.43
N THR B 201 -5.87 -3.05 -17.55
CA THR B 201 -6.45 -1.71 -17.69
C THR B 201 -5.33 -0.66 -17.65
N GLU B 202 -4.42 -0.79 -16.68
CA GLU B 202 -3.29 0.12 -16.53
C GLU B 202 -2.35 0.00 -17.72
N VAL B 203 -2.12 -1.23 -18.18
CA VAL B 203 -1.24 -1.47 -19.32
C VAL B 203 -1.83 -0.80 -20.57
N ASP B 204 -3.15 -0.85 -20.73
CA ASP B 204 -3.80 -0.22 -21.87
C ASP B 204 -3.68 1.30 -21.76
N ARG B 205 -3.85 1.81 -20.55
CA ARG B 205 -3.80 3.23 -20.28
C ARG B 205 -2.41 3.87 -20.47
N LEU B 206 -1.40 3.27 -19.84
CA LEU B 206 -0.05 3.81 -19.88
C LEU B 206 0.90 3.30 -20.96
N GLY B 207 0.63 2.11 -21.49
CA GLY B 207 1.54 1.54 -22.47
C GLY B 207 2.56 0.78 -21.63
N ILE B 208 3.02 -0.36 -22.11
CA ILE B 208 3.97 -1.16 -21.35
C ILE B 208 5.24 -0.37 -21.04
N GLY B 209 5.55 0.62 -21.88
CA GLY B 209 6.72 1.43 -21.68
C GLY B 209 6.67 2.17 -20.36
N LYS B 210 5.57 2.88 -20.11
CA LYS B 210 5.42 3.64 -18.87
C LYS B 210 5.19 2.68 -17.71
N VAL B 211 4.58 1.52 -17.99
CA VAL B 211 4.34 0.54 -16.94
C VAL B 211 5.64 0.05 -16.30
N MET B 212 6.64 -0.22 -17.14
CA MET B 212 7.92 -0.70 -16.64
C MET B 212 8.72 0.37 -15.92
N GLU B 213 8.62 1.59 -16.42
CA GLU B 213 9.33 2.71 -15.81
C GLU B 213 8.80 2.96 -14.40
N GLU B 214 7.47 2.94 -14.27
CA GLU B 214 6.83 3.15 -12.99
C GLU B 214 7.03 1.96 -12.05
N THR B 215 7.06 0.75 -12.62
CA THR B 215 7.27 -0.46 -11.83
C THR B 215 8.66 -0.45 -11.21
N LEU B 216 9.67 -0.27 -12.06
CA LEU B 216 11.05 -0.26 -11.59
C LEU B 216 11.33 0.91 -10.66
N SER B 217 10.75 2.07 -10.95
CA SER B 217 10.97 3.23 -10.10
C SER B 217 10.36 2.98 -8.73
N TYR B 218 9.17 2.36 -8.71
CA TYR B 218 8.49 2.06 -7.46
C TYR B 218 9.29 1.09 -6.60
N LEU B 219 9.92 0.11 -7.25
CA LEU B 219 10.70 -0.89 -6.53
C LEU B 219 12.17 -0.56 -6.27
N LEU B 220 12.82 0.13 -7.21
CA LEU B 220 14.24 0.45 -7.05
C LEU B 220 14.57 1.90 -6.70
N GLY B 221 13.55 2.72 -6.50
CA GLY B 221 13.75 4.12 -6.17
C GLY B 221 14.58 4.40 -4.93
N ARG B 222 14.09 3.99 -3.77
CA ARG B 222 14.81 4.22 -2.51
C ARG B 222 16.21 3.63 -2.52
N LYS B 223 16.38 2.49 -3.17
CA LYS B 223 17.68 1.85 -3.26
C LYS B 223 17.69 0.63 -4.18
N LYS B 224 18.87 0.32 -4.71
CA LYS B 224 19.03 -0.83 -5.58
C LYS B 224 18.90 -2.08 -4.73
N ARG B 225 17.97 -2.96 -5.08
CA ARG B 225 17.77 -4.20 -4.33
C ARG B 225 17.54 -5.36 -5.31
N PRO B 226 17.77 -6.60 -4.86
CA PRO B 226 17.58 -7.79 -5.70
C PRO B 226 16.16 -7.90 -6.24
N ILE B 227 16.02 -8.41 -7.45
CA ILE B 227 14.70 -8.55 -8.06
C ILE B 227 14.34 -10.00 -8.34
N HIS B 228 13.16 -10.39 -7.85
CA HIS B 228 12.65 -11.72 -8.09
C HIS B 228 11.49 -11.59 -9.06
N LEU B 229 11.64 -12.16 -10.24
CA LEU B 229 10.59 -12.12 -11.25
C LEU B 229 9.88 -13.47 -11.29
N SER B 230 8.61 -13.49 -10.88
CA SER B 230 7.84 -14.71 -10.91
C SER B 230 6.94 -14.55 -12.13
N PHE B 231 7.22 -15.32 -13.17
CA PHE B 231 6.48 -15.21 -14.41
C PHE B 231 5.52 -16.34 -14.71
N ASP B 232 4.22 -16.05 -14.65
CA ASP B 232 3.20 -17.04 -14.97
C ASP B 232 2.91 -16.84 -16.45
N VAL B 233 3.12 -17.87 -17.27
CA VAL B 233 2.89 -17.77 -18.70
C VAL B 233 1.44 -17.41 -19.05
N ASP B 234 0.49 -17.64 -18.15
CA ASP B 234 -0.88 -17.26 -18.49
C ASP B 234 -1.06 -15.75 -18.33
N GLY B 235 0.04 -15.07 -18.02
CA GLY B 235 0.01 -13.63 -17.91
C GLY B 235 -0.09 -13.10 -19.34
N LEU B 236 0.55 -13.83 -20.27
CA LEU B 236 0.50 -13.47 -21.68
C LEU B 236 -0.81 -14.00 -22.28
N ASP B 237 -1.24 -13.40 -23.38
CA ASP B 237 -2.48 -13.80 -24.03
C ASP B 237 -2.42 -15.25 -24.54
N PRO B 238 -3.52 -15.99 -24.39
CA PRO B 238 -3.56 -17.39 -24.84
C PRO B 238 -3.24 -17.62 -26.32
N SER B 239 -3.22 -16.56 -27.12
CA SER B 239 -2.91 -16.70 -28.54
C SER B 239 -1.40 -16.92 -28.67
N PHE B 240 -0.69 -16.73 -27.56
CA PHE B 240 0.77 -16.90 -27.52
C PHE B 240 1.16 -18.07 -26.61
N THR B 241 0.45 -18.21 -25.50
CA THR B 241 0.73 -19.29 -24.56
C THR B 241 -0.53 -20.10 -24.22
N PRO B 242 -1.12 -20.74 -25.24
CA PRO B 242 -2.34 -21.56 -25.07
C PRO B 242 -2.24 -22.77 -24.12
N ALA B 243 -1.07 -23.40 -24.08
CA ALA B 243 -0.85 -24.57 -23.23
C ALA B 243 -0.61 -24.24 -21.76
N THR B 244 -1.67 -23.79 -21.09
CA THR B 244 -1.60 -23.42 -19.68
C THR B 244 -2.99 -23.72 -19.06
N GLY B 245 -2.98 -24.07 -17.77
CA GLY B 245 -4.19 -24.43 -17.07
C GLY B 245 -5.36 -23.47 -16.94
N THR B 246 -5.09 -22.17 -16.77
CA THR B 246 -6.16 -21.20 -16.63
C THR B 246 -5.94 -19.97 -17.53
N PRO B 247 -6.18 -20.14 -18.84
CA PRO B 247 -6.01 -19.05 -19.82
C PRO B 247 -7.10 -17.99 -19.69
N VAL B 248 -6.72 -16.73 -19.90
CA VAL B 248 -7.67 -15.61 -19.83
C VAL B 248 -7.43 -14.69 -21.03
N VAL B 249 -8.50 -14.38 -21.76
CA VAL B 249 -8.39 -13.53 -22.94
C VAL B 249 -7.99 -12.10 -22.59
N GLY B 250 -7.50 -11.38 -23.59
CA GLY B 250 -7.10 -9.99 -23.40
C GLY B 250 -5.78 -9.83 -22.65
N GLY B 251 -4.88 -10.80 -22.82
CA GLY B 251 -3.61 -10.76 -22.12
C GLY B 251 -2.49 -9.96 -22.75
N LEU B 252 -1.32 -10.00 -22.11
CA LEU B 252 -0.14 -9.29 -22.60
C LEU B 252 0.31 -9.93 -23.92
N THR B 253 0.75 -9.09 -24.85
CA THR B 253 1.21 -9.58 -26.13
C THR B 253 2.61 -10.19 -26.00
N TYR B 254 3.04 -10.87 -27.05
CA TYR B 254 4.35 -11.48 -27.10
C TYR B 254 5.38 -10.36 -26.91
N ARG B 255 5.20 -9.27 -27.67
CA ARG B 255 6.09 -8.11 -27.61
C ARG B 255 6.19 -7.49 -26.21
N GLU B 256 5.06 -7.38 -25.51
CA GLU B 256 5.03 -6.81 -24.17
C GLU B 256 5.75 -7.73 -23.17
N GLY B 257 5.65 -9.03 -23.39
CA GLY B 257 6.32 -9.99 -22.53
C GLY B 257 7.81 -9.80 -22.63
N LEU B 258 8.30 -9.62 -23.86
CA LEU B 258 9.73 -9.42 -24.12
C LEU B 258 10.19 -8.05 -23.62
N TYR B 259 9.31 -7.06 -23.67
CA TYR B 259 9.69 -5.73 -23.20
C TYR B 259 9.91 -5.73 -21.68
N ILE B 260 9.00 -6.38 -20.97
CA ILE B 260 9.08 -6.50 -19.51
C ILE B 260 10.39 -7.14 -19.11
N THR B 261 10.70 -8.27 -19.73
CA THR B 261 11.91 -9.01 -19.42
C THR B 261 13.20 -8.33 -19.89
N GLU B 262 13.13 -7.59 -20.99
CA GLU B 262 14.30 -6.86 -21.49
C GLU B 262 14.63 -5.69 -20.56
N GLU B 263 13.59 -5.09 -19.97
CA GLU B 263 13.78 -3.98 -19.05
C GLU B 263 14.30 -4.46 -17.69
N ILE B 264 13.80 -5.60 -17.23
CA ILE B 264 14.28 -6.12 -15.96
C ILE B 264 15.74 -6.53 -16.09
N TYR B 265 16.12 -7.08 -17.24
CA TYR B 265 17.50 -7.49 -17.48
C TYR B 265 18.45 -6.30 -17.35
N LYS B 266 18.09 -5.19 -17.98
CA LYS B 266 18.94 -4.00 -17.96
C LYS B 266 19.15 -3.35 -16.61
N THR B 267 18.35 -3.75 -15.62
CA THR B 267 18.50 -3.19 -14.29
C THR B 267 19.73 -3.83 -13.68
N GLY B 268 20.02 -5.04 -14.15
CA GLY B 268 21.15 -5.79 -13.65
C GLY B 268 20.91 -6.27 -12.23
N LEU B 269 19.65 -6.23 -11.80
CA LEU B 269 19.32 -6.66 -10.44
C LEU B 269 18.53 -7.96 -10.37
N LEU B 270 18.30 -8.60 -11.50
CA LEU B 270 17.57 -9.87 -11.49
C LEU B 270 18.40 -10.88 -10.71
N SER B 271 17.79 -11.48 -9.69
CA SER B 271 18.49 -12.49 -8.87
C SER B 271 17.73 -13.82 -8.79
N GLY B 272 16.45 -13.80 -9.18
CA GLY B 272 15.65 -15.01 -9.14
C GLY B 272 14.53 -14.92 -10.16
N LEU B 273 14.27 -16.01 -10.86
CA LEU B 273 13.23 -16.04 -11.89
C LEU B 273 12.43 -17.33 -11.87
N ASP B 274 11.13 -17.23 -12.13
CA ASP B 274 10.24 -18.38 -12.18
C ASP B 274 9.51 -18.38 -13.52
N ILE B 275 9.51 -19.52 -14.20
CA ILE B 275 8.78 -19.67 -15.46
C ILE B 275 7.75 -20.75 -15.09
N MET B 276 6.55 -20.30 -14.75
CA MET B 276 5.49 -21.19 -14.30
C MET B 276 4.26 -21.38 -15.19
N GLU B 277 3.50 -22.41 -14.84
CA GLU B 277 2.25 -22.79 -15.49
C GLU B 277 2.27 -23.29 -16.93
N VAL B 278 3.42 -23.72 -17.43
CA VAL B 278 3.45 -24.28 -18.79
C VAL B 278 2.96 -25.72 -18.67
N ASN B 279 1.88 -26.06 -19.38
CA ASN B 279 1.32 -27.40 -19.32
C ASN B 279 1.16 -27.96 -20.73
N PRO B 280 2.16 -28.71 -21.22
CA PRO B 280 2.13 -29.30 -22.55
C PRO B 280 0.86 -30.10 -22.83
N SER B 281 0.44 -30.87 -21.82
CA SER B 281 -0.74 -31.72 -21.90
C SER B 281 -2.03 -30.99 -22.24
N LEU B 282 -2.03 -29.67 -22.14
CA LEU B 282 -3.21 -28.86 -22.42
C LEU B 282 -3.21 -28.13 -23.75
N GLY B 283 -2.22 -28.38 -24.59
CA GLY B 283 -2.19 -27.73 -25.89
C GLY B 283 -3.22 -28.49 -26.73
N LYS B 284 -3.91 -27.79 -27.63
CA LYS B 284 -4.93 -28.45 -28.46
C LYS B 284 -4.28 -29.18 -29.64
N THR B 285 -3.25 -28.56 -30.20
CA THR B 285 -2.52 -29.14 -31.33
C THR B 285 -1.05 -29.10 -30.95
N PRO B 286 -0.23 -30.00 -31.53
CA PRO B 286 1.20 -30.05 -31.23
C PRO B 286 1.85 -28.69 -31.50
N GLU B 287 1.18 -27.87 -32.27
CA GLU B 287 1.67 -26.55 -32.60
C GLU B 287 1.46 -25.62 -31.41
N GLU B 288 0.32 -25.74 -30.73
CA GLU B 288 0.02 -24.91 -29.58
C GLU B 288 1.01 -25.20 -28.45
N VAL B 289 1.56 -26.40 -28.45
CA VAL B 289 2.54 -26.78 -27.43
C VAL B 289 3.88 -26.12 -27.71
N THR B 290 4.33 -26.17 -28.96
CA THR B 290 5.61 -25.55 -29.31
C THR B 290 5.49 -24.04 -29.21
N ARG B 291 4.31 -23.53 -29.55
CA ARG B 291 4.08 -22.09 -29.47
C ARG B 291 4.29 -21.62 -28.04
N THR B 292 3.67 -22.33 -27.11
CA THR B 292 3.76 -21.97 -25.70
C THR B 292 5.17 -22.11 -25.17
N VAL B 293 5.82 -23.24 -25.47
CA VAL B 293 7.17 -23.49 -25.02
C VAL B 293 8.16 -22.49 -25.62
N ASN B 294 8.05 -22.25 -26.92
CA ASN B 294 8.95 -21.31 -27.59
C ASN B 294 8.82 -19.91 -27.03
N THR B 295 7.62 -19.51 -26.68
CA THR B 295 7.42 -18.18 -26.11
C THR B 295 8.03 -18.13 -24.73
N ALA B 296 7.84 -19.19 -23.95
CA ALA B 296 8.40 -19.27 -22.60
C ALA B 296 9.93 -19.19 -22.68
N VAL B 297 10.53 -19.89 -23.64
CA VAL B 297 11.97 -19.87 -23.79
C VAL B 297 12.44 -18.48 -24.22
N ALA B 298 11.68 -17.85 -25.12
CA ALA B 298 12.02 -16.51 -25.60
C ALA B 298 12.02 -15.51 -24.46
N ILE B 299 11.03 -15.63 -23.57
CA ILE B 299 10.92 -14.73 -22.42
C ILE B 299 12.10 -14.95 -21.46
N THR B 300 12.44 -16.21 -21.24
CA THR B 300 13.55 -16.54 -20.35
C THR B 300 14.87 -15.98 -20.87
N LEU B 301 15.12 -16.13 -22.17
CA LEU B 301 16.35 -15.62 -22.78
C LEU B 301 16.48 -14.10 -22.69
N ALA B 302 15.37 -13.38 -22.81
CA ALA B 302 15.39 -11.93 -22.72
C ALA B 302 15.77 -11.54 -21.29
N CYS B 303 15.43 -12.41 -20.33
CA CYS B 303 15.74 -12.16 -18.93
C CYS B 303 17.25 -12.21 -18.69
N PHE B 304 17.97 -12.86 -19.60
CA PHE B 304 19.41 -12.99 -19.45
C PHE B 304 20.24 -12.29 -20.51
N GLY B 305 19.69 -11.21 -21.10
CA GLY B 305 20.45 -10.45 -22.08
C GLY B 305 20.06 -10.45 -23.55
N LEU B 306 19.27 -11.43 -24.00
CA LEU B 306 18.87 -11.47 -25.40
C LEU B 306 18.01 -10.24 -25.69
N ALA B 307 18.55 -9.33 -26.52
CA ALA B 307 17.86 -8.10 -26.88
C ALA B 307 17.46 -8.06 -28.35
N ARG B 308 16.24 -7.57 -28.61
CA ARG B 308 15.73 -7.49 -29.98
C ARG B 308 16.51 -6.53 -30.88
N GLU B 309 17.18 -5.54 -30.29
CA GLU B 309 17.98 -4.60 -31.09
C GLU B 309 19.27 -5.30 -31.52
N GLY B 310 19.54 -6.45 -30.93
CA GLY B 310 20.74 -7.20 -31.26
C GLY B 310 21.68 -7.36 -30.10
N ASN B 311 22.68 -8.21 -30.30
CA ASN B 311 23.72 -8.51 -29.29
C ASN B 311 25.05 -8.77 -29.98
N HIS B 312 26.15 -8.40 -29.32
CA HIS B 312 27.48 -8.64 -29.85
C HIS B 312 28.46 -8.69 -28.69
N LYS B 313 29.51 -9.49 -28.83
CA LYS B 313 30.50 -9.61 -27.78
C LYS B 313 31.67 -8.66 -27.99
N PRO B 314 32.45 -8.41 -26.93
CA PRO B 314 33.61 -7.53 -26.99
C PRO B 314 34.73 -8.04 -27.89
N ILE B 315 34.52 -7.89 -29.20
CA ILE B 315 35.49 -8.32 -30.19
C ILE B 315 35.28 -7.43 -31.40
N ASP B 316 36.35 -7.12 -32.13
CA ASP B 316 36.21 -6.27 -33.30
C ASP B 316 35.56 -7.03 -34.45
N TYR B 317 34.39 -6.55 -34.88
CA TYR B 317 33.66 -7.19 -35.96
C TYR B 317 34.08 -6.67 -37.34
N LEU B 318 34.79 -5.55 -37.34
CA LEU B 318 35.27 -4.93 -38.57
C LEU B 318 36.80 -4.90 -38.64
MN MN C . -0.21 10.36 11.82
MN MN D . -1.26 12.86 9.97
N NNH E . 6.46 10.66 7.84
CA NNH E . 5.97 9.64 6.95
C NNH E . 5.80 10.16 5.50
O NNH E . 6.05 11.28 5.13
CB NNH E . 4.64 9.19 7.50
CG NNH E . 3.36 9.95 7.53
ND NNH E . 2.15 9.16 7.85
CE NNH E . 1.04 9.54 8.54
NH1 NNH E . 0.98 10.86 9.08
NH2 NNH E . -0.01 8.74 8.78
OH1 NNH E . -0.06 11.23 9.74
OXT NNH E . 5.33 9.20 4.67
MN MN F . -2.13 -17.13 -13.70
MN MN G . -0.15 -17.59 -11.16
N NNH H . -8.05 -16.99 -8.62
CA NNH H . -8.18 -18.41 -8.85
C NNH H . -7.86 -19.26 -7.61
O NNH H . -7.51 -18.85 -6.52
CB NNH H . -7.25 -18.78 -10.00
CG NNH H . -5.76 -18.87 -9.95
ND NNH H . -5.12 -19.67 -11.02
CE NNH H . -3.93 -19.46 -11.64
NH1 NNH H . -3.15 -18.33 -11.27
NH2 NNH H . -3.43 -20.26 -12.60
OH1 NNH H . -2.02 -18.09 -11.83
OXT NNH H . -7.99 -20.57 -7.85
#